data_4YK5
#
_entry.id   4YK5
#
_cell.length_a   76.600
_cell.length_b   76.600
_cell.length_c   123.736
_cell.angle_alpha   90.00
_cell.angle_beta   90.00
_cell.angle_gamma   120.00
#
_symmetry.space_group_name_H-M   'H 3'
#
loop_
_entity.id
_entity.type
_entity.pdbx_description
1 polymer 'Prostaglandin E synthase'
2 non-polymer "3-[1-(4-chlorobenzyl)-5-(2-fluoro-2'-methylbiphenyl-4-yl)-3-methyl-1H-indol-2-yl]-2,2-dimethylpropanoic acid"
3 non-polymer 2-(2-METHOXYETHOXY)ETHANOL
4 non-polymer GLUTATHIONE
5 non-polymer 'hexyl beta-D-glucopyranoside'
6 non-polymer 'octyl beta-D-glucopyranoside'
7 non-polymer 'TETRAETHYLENE GLYCOL'
8 water water
#
_entity_poly.entity_id   1
_entity_poly.type   'polypeptide(L)'
_entity_poly.pdbx_seq_one_letter_code
;GSLPAHSLVMSSPALPAFLLCSTLLVIKMYVVAIITGQVRLRKKAFANPEDALRHGGPQYCRSDPDVERCLRAHRNDMET
IYPFLFLGFVYSFLGPNPFVAWMHFLVFLVGRVAHTVAYLGKLRAPIRSVTYTLAQLPCASMALQILWEAARHL
;
_entity_poly.pdbx_strand_id   A
#
# COMPACT_ATOMS: atom_id res chain seq x y z
N VAL A 9 20.34 4.92 10.37
CA VAL A 9 19.07 5.63 10.03
C VAL A 9 19.31 7.12 9.76
N MET A 10 20.46 7.63 10.22
CA MET A 10 20.81 9.03 9.99
C MET A 10 21.77 9.23 8.81
N SER A 11 21.80 8.25 7.91
CA SER A 11 22.61 8.32 6.69
C SER A 11 22.15 9.46 5.77
N SER A 12 20.93 9.95 6.01
CA SER A 12 20.37 11.10 5.30
C SER A 12 19.20 11.68 6.11
N PRO A 13 19.02 13.02 6.09
CA PRO A 13 17.99 13.66 6.92
C PRO A 13 16.55 13.20 6.68
N ALA A 14 16.23 12.75 5.47
CA ALA A 14 14.87 12.31 5.13
C ALA A 14 14.60 10.85 5.49
N LEU A 15 15.66 10.10 5.78
CA LEU A 15 15.54 8.66 5.98
C LEU A 15 14.63 8.24 7.15
N PRO A 16 14.76 8.86 8.34
CA PRO A 16 13.86 8.45 9.42
C PRO A 16 12.38 8.58 9.07
N ALA A 17 12.00 9.70 8.43
CA ALA A 17 10.62 9.90 8.01
C ALA A 17 10.19 8.84 7.01
N PHE A 18 11.07 8.52 6.06
CA PHE A 18 10.76 7.48 5.09
C PHE A 18 10.54 6.13 5.76
N LEU A 19 11.45 5.77 6.66
CA LEU A 19 11.37 4.47 7.32
C LEU A 19 10.13 4.36 8.22
N LEU A 20 9.73 5.46 8.85
CA LEU A 20 8.50 5.48 9.65
C LEU A 20 7.27 5.22 8.77
N CYS A 21 7.15 5.98 7.69
CA CYS A 21 5.98 5.89 6.81
C CYS A 21 5.92 4.53 6.11
N SER A 22 7.05 4.07 5.59
CA SER A 22 7.11 2.78 4.89
C SER A 22 6.75 1.63 5.79
N THR A 23 7.29 1.62 7.01
CA THR A 23 7.05 0.52 7.93
C THR A 23 5.59 0.52 8.39
N LEU A 24 5.03 1.69 8.62
CA LEU A 24 3.60 1.79 8.92
C LEU A 24 2.76 1.23 7.77
N LEU A 25 3.18 1.49 6.54
CA LEU A 25 2.45 0.98 5.38
C LEU A 25 2.56 -0.53 5.22
N VAL A 26 3.74 -1.09 5.54
CA VAL A 26 3.89 -2.55 5.57
C VAL A 26 2.95 -3.15 6.63
N ILE A 27 2.92 -2.56 7.82
CA ILE A 27 2.01 -3.01 8.87
C ILE A 27 0.55 -2.90 8.40
N LYS A 28 0.22 -1.82 7.70
CA LYS A 28 -1.12 -1.63 7.12
C LYS A 28 -1.49 -2.72 6.11
N MET A 29 -0.50 -3.22 5.37
CA MET A 29 -0.73 -4.35 4.47
C MET A 29 -0.98 -5.64 5.26
N TYR A 30 -0.21 -5.86 6.32
CA TYR A 30 -0.45 -6.98 7.21
C TYR A 30 -1.85 -6.94 7.81
N VAL A 31 -2.32 -5.74 8.15
CA VAL A 31 -3.68 -5.56 8.67
C VAL A 31 -4.70 -6.05 7.64
N VAL A 32 -4.49 -5.70 6.36
CA VAL A 32 -5.35 -6.20 5.29
C VAL A 32 -5.32 -7.73 5.20
N ALA A 33 -4.13 -8.32 5.32
CA ALA A 33 -4.00 -9.78 5.32
C ALA A 33 -4.79 -10.41 6.46
N ILE A 34 -4.69 -9.82 7.66
CA ILE A 34 -5.39 -10.33 8.84
C ILE A 34 -6.91 -10.21 8.65
N ILE A 35 -7.37 -9.05 8.18
CA ILE A 35 -8.79 -8.86 7.88
C ILE A 35 -9.28 -9.91 6.87
N THR A 36 -8.50 -10.14 5.82
CA THR A 36 -8.87 -11.13 4.79
C THR A 36 -9.12 -12.50 5.42
N GLY A 37 -8.22 -12.94 6.29
CA GLY A 37 -8.36 -14.23 6.97
C GLY A 37 -9.62 -14.29 7.82
N GLN A 38 -9.90 -13.19 8.51
CA GLN A 38 -11.09 -13.13 9.37
C GLN A 38 -12.38 -13.16 8.57
N VAL A 39 -12.38 -12.49 7.42
CA VAL A 39 -13.53 -12.52 6.51
C VAL A 39 -13.74 -13.94 5.96
N ARG A 40 -12.65 -14.62 5.60
CA ARG A 40 -12.73 -16.01 5.14
C ARG A 40 -13.39 -16.90 6.18
N LEU A 41 -12.99 -16.75 7.44
CA LEU A 41 -13.56 -17.52 8.55
C LEU A 41 -15.03 -17.17 8.79
N ARG A 42 -15.33 -15.88 8.86
CA ARG A 42 -16.68 -15.38 9.16
C ARG A 42 -17.68 -15.81 8.08
N LYS A 43 -17.29 -15.62 6.82
CA LYS A 43 -18.14 -15.92 5.68
C LYS A 43 -18.01 -17.37 5.21
N LYS A 44 -17.12 -18.14 5.86
CA LYS A 44 -16.82 -19.52 5.49
C LYS A 44 -16.54 -19.63 3.99
N ALA A 45 -15.54 -18.88 3.54
CA ALA A 45 -15.17 -18.83 2.13
C ALA A 45 -13.67 -19.04 1.99
N PHE A 46 -13.30 -20.30 1.75
CA PHE A 46 -11.90 -20.72 1.71
C PHE A 46 -11.45 -20.97 0.29
N ALA A 47 -10.17 -20.73 0.02
CA ALA A 47 -9.63 -20.90 -1.31
C ALA A 47 -9.23 -22.36 -1.59
N ASN A 48 -9.08 -23.15 -0.53
CA ASN A 48 -8.50 -24.48 -0.62
C ASN A 48 -9.39 -25.53 0.02
N PRO A 49 -9.55 -26.69 -0.65
CA PRO A 49 -10.38 -27.76 -0.08
C PRO A 49 -9.90 -28.21 1.30
N GLU A 50 -8.58 -28.25 1.52
CA GLU A 50 -8.04 -28.67 2.82
C GLU A 50 -8.46 -27.72 3.95
N ASP A 51 -8.58 -26.42 3.64
CA ASP A 51 -9.08 -25.45 4.61
C ASP A 51 -10.57 -25.69 4.87
N ALA A 52 -11.34 -25.80 3.79
CA ALA A 52 -12.79 -25.98 3.89
C ALA A 52 -13.18 -27.21 4.70
N LEU A 53 -12.48 -28.31 4.50
CA LEU A 53 -12.79 -29.56 5.19
C LEU A 53 -12.57 -29.50 6.71
N ARG A 54 -11.66 -28.63 7.15
CA ARG A 54 -11.43 -28.39 8.58
C ARG A 54 -12.49 -27.47 9.18
N HIS A 55 -13.13 -26.67 8.33
CA HIS A 55 -14.04 -25.62 8.79
C HIS A 55 -15.49 -25.77 8.35
N GLY A 56 -15.95 -27.00 8.21
CA GLY A 56 -17.38 -27.25 7.98
C GLY A 56 -17.77 -28.12 6.80
N GLY A 57 -16.86 -28.32 5.86
CA GLY A 57 -17.14 -29.17 4.70
C GLY A 57 -16.71 -28.58 3.37
N PRO A 58 -16.72 -29.41 2.31
CA PRO A 58 -16.21 -29.05 0.99
C PRO A 58 -16.96 -27.91 0.32
N GLN A 59 -18.22 -27.71 0.69
CA GLN A 59 -19.04 -26.64 0.12
C GLN A 59 -18.52 -25.24 0.49
N TYR A 60 -17.64 -25.19 1.50
CA TYR A 60 -17.06 -23.93 1.93
C TYR A 60 -15.76 -23.57 1.21
N CYS A 61 -15.35 -24.40 0.26
CA CYS A 61 -14.32 -24.00 -0.70
C CYS A 61 -15.05 -23.25 -1.80
N ARG A 62 -15.07 -21.93 -1.68
CA ARG A 62 -15.89 -21.08 -2.53
C ARG A 62 -15.40 -19.64 -2.49
N SER A 63 -15.75 -18.88 -3.52
CA SER A 63 -15.46 -17.45 -3.56
C SER A 63 -16.51 -16.69 -2.76
N ASP A 64 -16.16 -15.48 -2.34
CA ASP A 64 -17.08 -14.60 -1.63
C ASP A 64 -16.74 -13.16 -2.03
N PRO A 65 -17.76 -12.31 -2.26
CA PRO A 65 -17.47 -10.96 -2.72
C PRO A 65 -16.62 -10.13 -1.75
N ASP A 66 -16.83 -10.30 -0.44
CA ASP A 66 -16.06 -9.57 0.56
C ASP A 66 -14.60 -10.05 0.61
N VAL A 67 -14.40 -11.36 0.50
CA VAL A 67 -13.05 -11.90 0.39
C VAL A 67 -12.36 -11.35 -0.86
N GLU A 68 -13.05 -11.38 -1.99
CA GLU A 68 -12.50 -10.86 -3.24
C GLU A 68 -12.13 -9.38 -3.11
N ARG A 69 -12.97 -8.61 -2.44
CA ARG A 69 -12.70 -7.19 -2.18
C ARG A 69 -11.43 -6.99 -1.35
N CYS A 70 -11.27 -7.79 -0.29
CA CYS A 70 -10.06 -7.76 0.53
C CYS A 70 -8.82 -8.06 -0.30
N LEU A 71 -8.93 -9.08 -1.15
CA LEU A 71 -7.82 -9.44 -2.04
C LEU A 71 -7.49 -8.34 -3.04
N ARG A 72 -8.50 -7.63 -3.54
CA ARG A 72 -8.27 -6.50 -4.43
C ARG A 72 -7.53 -5.36 -3.73
N ALA A 73 -7.93 -5.06 -2.49
CA ALA A 73 -7.26 -4.03 -1.71
C ALA A 73 -5.78 -4.41 -1.49
N HIS A 74 -5.55 -5.67 -1.13
CA HIS A 74 -4.20 -6.16 -0.90
C HIS A 74 -3.39 -6.12 -2.19
N ARG A 75 -4.00 -6.53 -3.31
CA ARG A 75 -3.30 -6.47 -4.58
CA ARG A 75 -3.32 -6.48 -4.61
C ARG A 75 -2.97 -5.04 -4.98
N ASN A 76 -3.93 -4.12 -4.81
CA ASN A 76 -3.66 -2.72 -5.13
C ASN A 76 -2.50 -2.17 -4.28
N ASP A 77 -2.48 -2.54 -2.99
CA ASP A 77 -1.33 -2.23 -2.14
C ASP A 77 -0.01 -2.74 -2.74
N MET A 78 0.00 -3.98 -3.23
CA MET A 78 1.22 -4.52 -3.84
C MET A 78 1.63 -3.76 -5.11
N GLU A 79 0.63 -3.25 -5.84
CA GLU A 79 0.86 -2.48 -7.06
C GLU A 79 1.40 -1.07 -6.80
N THR A 80 1.25 -0.59 -5.56
CA THR A 80 1.55 0.82 -5.26
C THR A 80 2.55 1.01 -4.11
N ILE A 81 2.34 0.29 -3.00
CA ILE A 81 3.21 0.43 -1.84
C ILE A 81 4.59 -0.18 -2.10
N TYR A 82 4.66 -1.32 -2.78
CA TYR A 82 5.97 -1.90 -3.06
C TYR A 82 6.86 -0.96 -3.90
N PRO A 83 6.32 -0.36 -4.99
CA PRO A 83 7.12 0.66 -5.69
C PRO A 83 7.58 1.81 -4.79
N PHE A 84 6.71 2.27 -3.89
CA PHE A 84 7.07 3.32 -2.93
C PHE A 84 8.23 2.92 -2.03
N LEU A 85 8.26 1.67 -1.59
CA LEU A 85 9.36 1.18 -0.76
C LEU A 85 10.70 1.36 -1.46
N PHE A 86 10.72 1.10 -2.77
CA PHE A 86 11.91 1.29 -3.58
C PHE A 86 12.21 2.77 -3.83
N LEU A 87 11.24 3.48 -4.42
CA LEU A 87 11.43 4.87 -4.82
C LEU A 87 11.77 5.78 -3.63
N GLY A 88 11.01 5.62 -2.55
CA GLY A 88 11.21 6.43 -1.35
C GLY A 88 12.55 6.21 -0.70
N PHE A 89 13.04 4.97 -0.72
CA PHE A 89 14.35 4.65 -0.16
C PHE A 89 15.45 5.35 -0.95
N VAL A 90 15.42 5.18 -2.27
CA VAL A 90 16.41 5.82 -3.14
C VAL A 90 16.34 7.35 -3.02
N TYR A 91 15.13 7.88 -3.08
CA TYR A 91 14.88 9.33 -2.99
C TYR A 91 15.42 9.95 -1.69
N SER A 92 15.35 9.19 -0.60
CA SER A 92 15.89 9.63 0.69
C SER A 92 17.38 9.98 0.62
N PHE A 93 18.09 9.40 -0.34
CA PHE A 93 19.54 9.60 -0.46
C PHE A 93 19.96 10.61 -1.54
N LEU A 94 18.97 11.28 -2.15
CA LEU A 94 19.24 12.23 -3.23
C LEU A 94 19.33 13.68 -2.74
N GLY A 95 19.43 13.83 -1.41
CA GLY A 95 19.51 15.15 -0.78
C GLY A 95 18.31 16.06 -1.04
N PRO A 96 17.08 15.54 -0.88
CA PRO A 96 15.93 16.42 -1.08
C PRO A 96 15.73 17.34 0.13
N ASN A 97 15.02 18.45 -0.07
CA ASN A 97 14.62 19.30 1.04
C ASN A 97 13.83 18.47 2.06
N PRO A 98 14.25 18.53 3.36
CA PRO A 98 13.65 17.72 4.41
C PRO A 98 12.13 17.82 4.50
N PHE A 99 11.61 19.05 4.47
CA PHE A 99 10.17 19.28 4.53
C PHE A 99 9.45 18.76 3.28
N VAL A 100 10.05 19.01 2.11
CA VAL A 100 9.52 18.53 0.84
C VAL A 100 9.43 17.00 0.84
N ALA A 101 10.50 16.34 1.29
CA ALA A 101 10.54 14.89 1.39
C ALA A 101 9.47 14.37 2.35
N TRP A 102 9.38 14.98 3.53
CA TRP A 102 8.30 14.71 4.50
C TRP A 102 6.93 14.74 3.84
N MET A 103 6.67 15.79 3.06
CA MET A 103 5.38 15.95 2.39
CA MET A 103 5.39 15.96 2.38
C MET A 103 5.12 14.83 1.39
N HIS A 104 6.15 14.42 0.65
CA HIS A 104 6.02 13.29 -0.28
C HIS A 104 5.58 12.03 0.47
N PHE A 105 6.28 11.73 1.57
CA PHE A 105 6.01 10.52 2.35
C PHE A 105 4.65 10.57 3.04
N LEU A 106 4.29 11.73 3.58
CA LEU A 106 3.03 11.91 4.30
CA LEU A 106 3.02 11.91 4.30
C LEU A 106 1.82 11.82 3.37
N VAL A 107 1.92 12.44 2.19
CA VAL A 107 0.86 12.36 1.19
C VAL A 107 0.64 10.90 0.78
N PHE A 108 1.73 10.16 0.59
CA PHE A 108 1.59 8.75 0.26
C PHE A 108 0.96 7.94 1.38
N LEU A 109 1.44 8.14 2.61
CA LEU A 109 0.91 7.45 3.78
C LEU A 109 -0.58 7.71 3.96
N VAL A 110 -0.97 8.99 3.96
CA VAL A 110 -2.37 9.37 4.17
C VAL A 110 -3.25 8.85 3.01
N GLY A 111 -2.80 9.06 1.78
CA GLY A 111 -3.52 8.58 0.60
C GLY A 111 -3.77 7.08 0.63
N ARG A 112 -2.75 6.31 0.99
CA ARG A 112 -2.87 4.86 1.02
C ARG A 112 -3.73 4.33 2.18
N VAL A 113 -3.60 4.93 3.36
CA VAL A 113 -4.47 4.53 4.46
C VAL A 113 -5.92 4.83 4.09
N ALA A 114 -6.16 6.01 3.53
CA ALA A 114 -7.48 6.40 3.06
C ALA A 114 -8.00 5.46 1.98
N HIS A 115 -7.12 5.02 1.09
CA HIS A 115 -7.47 4.06 0.03
C HIS A 115 -8.03 2.77 0.61
N THR A 116 -7.35 2.21 1.59
CA THR A 116 -7.80 0.96 2.22
C THR A 116 -9.15 1.16 2.92
N VAL A 117 -9.30 2.28 3.63
CA VAL A 117 -10.57 2.60 4.27
C VAL A 117 -11.70 2.71 3.22
N ALA A 118 -11.42 3.43 2.14
CA ALA A 118 -12.40 3.60 1.06
C ALA A 118 -12.73 2.29 0.34
N TYR A 119 -11.74 1.41 0.20
CA TYR A 119 -11.95 0.13 -0.47
C TYR A 119 -12.74 -0.84 0.40
N LEU A 120 -12.21 -1.12 1.58
CA LEU A 120 -12.84 -2.09 2.47
C LEU A 120 -14.16 -1.57 3.03
N GLY A 121 -14.27 -0.25 3.18
CA GLY A 121 -15.51 0.38 3.67
C GLY A 121 -16.55 0.62 2.60
N LYS A 122 -16.23 0.28 1.36
CA LYS A 122 -17.17 0.40 0.23
C LYS A 122 -17.72 1.82 0.08
N LEU A 123 -16.83 2.81 0.21
CA LEU A 123 -17.23 4.21 0.10
C LEU A 123 -17.58 4.56 -1.34
N ARG A 124 -18.47 5.53 -1.52
CA ARG A 124 -18.94 5.86 -2.86
C ARG A 124 -17.81 6.34 -3.78
N ALA A 125 -17.94 6.04 -5.06
CA ALA A 125 -17.03 6.56 -6.07
C ALA A 125 -17.24 8.07 -6.19
N PRO A 126 -16.16 8.82 -6.50
CA PRO A 126 -14.81 8.37 -6.80
C PRO A 126 -13.83 8.46 -5.62
N ILE A 127 -14.30 8.25 -4.39
CA ILE A 127 -13.44 8.43 -3.22
C ILE A 127 -12.17 7.58 -3.30
N ARG A 128 -12.33 6.28 -3.52
CA ARG A 128 -11.17 5.39 -3.61
C ARG A 128 -10.23 5.80 -4.74
N SER A 129 -10.79 6.06 -5.92
CA SER A 129 -9.99 6.46 -7.07
C SER A 129 -9.18 7.74 -6.80
N VAL A 130 -9.80 8.70 -6.12
CA VAL A 130 -9.12 9.94 -5.77
C VAL A 130 -7.96 9.69 -4.78
N THR A 131 -8.18 8.84 -3.78
CA THR A 131 -7.11 8.53 -2.81
C THR A 131 -5.92 7.85 -3.49
N TYR A 132 -6.21 6.94 -4.42
CA TYR A 132 -5.16 6.30 -5.23
C TYR A 132 -4.36 7.33 -6.01
N THR A 133 -5.06 8.26 -6.67
CA THR A 133 -4.42 9.30 -7.47
C THR A 133 -3.53 10.20 -6.61
N LEU A 134 -4.08 10.66 -5.49
N LEU A 134 -4.05 10.64 -5.48
CA LEU A 134 -3.34 11.48 -4.54
CA LEU A 134 -3.31 11.50 -4.55
C LEU A 134 -2.02 10.82 -4.18
C LEU A 134 -2.03 10.86 -4.04
N ALA A 135 -2.07 9.55 -3.79
CA ALA A 135 -0.88 8.81 -3.36
C ALA A 135 0.11 8.57 -4.49
N GLN A 136 -0.37 8.37 -5.71
CA GLN A 136 0.54 8.16 -6.84
C GLN A 136 1.34 9.41 -7.20
N LEU A 137 0.80 10.59 -6.92
CA LEU A 137 1.48 11.84 -7.28
C LEU A 137 2.91 11.97 -6.72
N PRO A 138 3.10 11.77 -5.39
CA PRO A 138 4.48 11.81 -4.88
C PRO A 138 5.36 10.70 -5.43
N CYS A 139 4.78 9.56 -5.79
CA CYS A 139 5.56 8.48 -6.40
C CYS A 139 6.09 8.87 -7.77
N ALA A 140 5.23 9.48 -8.59
CA ALA A 140 5.63 9.99 -9.90
C ALA A 140 6.73 11.04 -9.72
N SER A 141 6.55 11.93 -8.75
CA SER A 141 7.53 12.97 -8.45
C SER A 141 8.91 12.38 -8.09
N MET A 142 8.93 11.41 -7.18
CA MET A 142 10.18 10.78 -6.79
C MET A 142 10.82 10.02 -7.96
N ALA A 143 10.01 9.31 -8.73
CA ALA A 143 10.51 8.57 -9.88
C ALA A 143 11.25 9.48 -10.87
N LEU A 144 10.63 10.61 -11.21
CA LEU A 144 11.28 11.57 -12.11
C LEU A 144 12.60 12.09 -11.53
N GLN A 145 12.60 12.42 -10.24
CA GLN A 145 13.81 12.92 -9.58
C GLN A 145 14.94 11.90 -9.61
N ILE A 146 14.60 10.63 -9.37
CA ILE A 146 15.59 9.55 -9.46
C ILE A 146 16.13 9.42 -10.89
N LEU A 147 15.25 9.52 -11.88
CA LEU A 147 15.66 9.46 -13.28
CA LEU A 147 15.65 9.46 -13.28
C LEU A 147 16.71 10.52 -13.59
N TRP A 148 16.45 11.76 -13.16
CA TRP A 148 17.39 12.85 -13.44
C TRP A 148 18.73 12.62 -12.76
N GLU A 149 18.70 12.19 -11.52
CA GLU A 149 19.93 11.93 -10.75
C GLU A 149 20.73 10.77 -11.33
N ALA A 150 20.04 9.68 -11.66
CA ALA A 150 20.69 8.51 -12.26
C ALA A 150 21.29 8.87 -13.63
N ALA A 151 20.49 9.50 -14.48
CA ALA A 151 20.94 9.86 -15.83
C ALA A 151 22.16 10.76 -15.83
N ARG A 152 22.19 11.73 -14.91
CA ARG A 152 23.29 12.70 -14.88
C ARG A 152 24.59 12.10 -14.33
N HIS A 153 24.51 10.92 -13.73
CA HIS A 153 25.69 10.23 -13.20
C HIS A 153 26.19 9.11 -14.11
N LEU A 154 25.59 8.96 -15.29
CA LEU A 154 25.99 7.92 -16.25
C LEU A 154 27.31 8.26 -16.92
#